data_6YD2
#
_entry.id   6YD2
#
_cell.length_a   131.506
_cell.length_b   131.506
_cell.length_c   155.243
_cell.angle_alpha   90.000
_cell.angle_beta   90.000
_cell.angle_gamma   120.000
#
_symmetry.space_group_name_H-M   'P 65 2 2'
#
loop_
_entity.id
_entity.type
_entity.pdbx_description
1 polymer Furin
2 polymer 4-aminomethyl-phenylacetyl-canavanine-Tle-Arg-Amba
3 non-polymer 'CALCIUM ION'
4 non-polymer 'SODIUM ION'
5 non-polymer 'CHLORIDE ION'
6 non-polymer 'PHOSPHATE ION'
7 non-polymer 'DIMETHYL SULFOXIDE'
8 water water
#
loop_
_entity_poly.entity_id
_entity_poly.type
_entity_poly.pdbx_seq_one_letter_code
_entity_poly.pdbx_strand_id
1 'polypeptide(L)'
;DVYQEPTDPKFPQQWYLSGVTQRDLNVKAAWAQGYTGHGIVVSILDDGIEKNHPDLAGNYDPGASFDVNDQDPDPQPRYT
QMNDNRHGTRCAGEVAAVANNGVCGVGVAYNARIGGVRMLDGEVTDAVEARSLGLNPNHIHIYSASWGPEDDGKTVDGPA
RLAEEAFFRGVSQGRGGLGSIFVWASGNGGREHDSCNCDGYTNSIYTLSISSATQFGNVPWYSEACSSTLATTYSSGNQN
EKQIVTTDLRQKCTESHTGTSASAPLAAGIIALTLEANKNLTWRDMQHLVVQTSKPAHLNANDWATNGVGRKVSHSYGYG
LLDAGAMVALAQNWTTVAPQRKCIIDILTEPKDIGKRLEVRKTVTACLGEPNHITRLEHAQARLTLSYNRRGDLAIHLVS
PMGTRSTLLAARPHDYSADGFNDWAFMTTHSWDEDPSGEWVLEIENTSEANNYGTLTKFTLVLYGTASGSLVPRGSHHHH
HH
;
A
2 'polypeptide(L)' (BVK)(GGB)(TBG)K(00S) 611
#
# COMPACT_ATOMS: atom_id res chain seq x y z
N VAL A 2 0.47 10.04 33.38
CA VAL A 2 0.69 11.04 32.34
C VAL A 2 1.78 10.56 31.39
N TYR A 3 1.45 10.42 30.12
CA TYR A 3 2.40 9.87 29.15
C TYR A 3 3.56 10.86 28.95
N GLN A 4 4.79 10.34 28.96
CA GLN A 4 5.98 11.14 28.72
C GLN A 4 6.53 10.78 27.34
N GLU A 5 6.65 11.77 26.47
CA GLU A 5 7.11 11.52 25.12
C GLU A 5 8.60 11.22 25.10
N PRO A 6 9.10 10.64 24.01
CA PRO A 6 10.50 10.22 23.98
C PRO A 6 11.46 11.38 24.17
N THR A 7 12.60 11.06 24.77
CA THR A 7 13.68 11.99 25.01
C THR A 7 14.83 11.83 24.01
N ASP A 8 14.68 10.96 23.02
CA ASP A 8 15.76 10.70 22.09
C ASP A 8 16.21 12.00 21.43
N PRO A 9 17.50 12.10 21.07
CA PRO A 9 18.04 13.39 20.63
C PRO A 9 17.45 13.92 19.34
N LYS A 10 17.05 13.04 18.42
CA LYS A 10 16.46 13.47 17.16
C LYS A 10 14.93 13.39 17.16
N PHE A 11 14.30 13.01 18.27
CA PHE A 11 12.85 12.95 18.27
C PHE A 11 12.22 14.29 17.94
N PRO A 12 12.75 15.42 18.40
CA PRO A 12 12.15 16.73 18.04
C PRO A 12 12.18 17.02 16.55
N GLN A 13 13.04 16.38 15.78
CA GLN A 13 13.05 16.49 14.32
C GLN A 13 12.06 15.54 13.63
N GLN A 14 11.35 14.70 14.36
CA GLN A 14 10.40 13.76 13.74
C GLN A 14 9.03 14.43 13.67
N TRP A 15 9.00 15.44 12.80
CA TRP A 15 7.86 16.32 12.66
C TRP A 15 6.60 15.58 12.25
N TYR A 16 6.74 14.42 11.61
CA TYR A 16 5.62 13.64 11.09
C TYR A 16 4.96 12.78 12.15
N LEU A 17 5.59 12.64 13.33
CA LEU A 17 4.99 11.82 14.39
C LEU A 17 4.04 12.60 15.27
N SER A 18 4.34 13.85 15.56
CA SER A 18 3.53 14.63 16.48
C SER A 18 3.88 16.11 16.31
N GLY A 19 3.04 16.95 16.87
CA GLY A 19 3.30 18.37 16.88
C GLY A 19 2.04 19.17 17.18
N VAL A 20 2.26 20.41 17.60
CA VAL A 20 1.14 21.32 17.81
C VAL A 20 0.47 21.65 16.49
N THR A 21 1.15 21.43 15.36
CA THR A 21 0.73 22.02 14.09
C THR A 21 -0.40 21.25 13.39
N GLN A 22 -0.57 19.96 13.67
CA GLN A 22 -1.57 19.08 13.06
C GLN A 22 -1.09 18.48 11.71
N ARG A 23 0.07 18.90 11.19
CA ARG A 23 0.68 18.23 10.04
C ARG A 23 1.51 17.05 10.52
N ASP A 24 0.81 16.03 11.02
CA ASP A 24 1.48 14.85 11.52
C ASP A 24 0.54 13.65 11.39
N LEU A 25 1.07 12.47 11.71
CA LEU A 25 0.35 11.21 11.62
C LEU A 25 -0.34 10.85 12.93
N ASN A 26 -0.38 11.77 13.89
CA ASN A 26 -1.11 11.59 15.15
C ASN A 26 -0.67 10.33 15.88
N VAL A 27 0.66 10.12 15.96
CA VAL A 27 1.19 8.91 16.57
C VAL A 27 1.29 9.05 18.08
N LYS A 28 1.66 10.24 18.57
CA LYS A 28 1.73 10.43 20.01
C LYS A 28 0.39 10.16 20.68
N ALA A 29 -0.72 10.45 20.00
CA ALA A 29 -2.03 10.14 20.55
C ALA A 29 -2.20 8.64 20.75
N ALA A 30 -1.68 7.82 19.83
CA ALA A 30 -1.75 6.37 20.07
C ALA A 30 -0.85 5.95 21.22
N TRP A 31 0.37 6.48 21.25
CA TRP A 31 1.27 6.18 22.37
C TRP A 31 0.63 6.51 23.71
N ALA A 32 -0.05 7.64 23.80
CA ALA A 32 -0.67 8.05 25.05
C ALA A 32 -1.85 7.16 25.44
N GLN A 33 -2.50 6.51 24.47
CA GLN A 33 -3.51 5.52 24.78
C GLN A 33 -2.90 4.20 25.23
N GLY A 34 -1.58 4.09 25.26
CA GLY A 34 -0.90 2.90 25.72
C GLY A 34 -0.37 1.96 24.65
N TYR A 35 -0.37 2.37 23.39
CA TYR A 35 0.02 1.49 22.29
C TYR A 35 1.35 1.96 21.72
N THR A 36 2.37 1.12 21.88
CA THR A 36 3.70 1.38 21.38
C THR A 36 4.23 0.22 20.54
N GLY A 37 3.45 -0.85 20.38
CA GLY A 37 3.83 -1.96 19.55
C GLY A 37 4.23 -3.20 20.29
N HIS A 38 4.15 -3.22 21.62
N HIS A 38 4.17 -3.21 21.63
CA HIS A 38 4.57 -4.39 22.38
CA HIS A 38 4.54 -4.38 22.41
C HIS A 38 3.86 -5.62 21.86
C HIS A 38 3.85 -5.62 21.85
N GLY A 39 4.65 -6.66 21.56
CA GLY A 39 4.12 -7.93 21.15
C GLY A 39 3.87 -8.09 19.67
N ILE A 40 4.03 -7.04 18.89
CA ILE A 40 3.79 -7.10 17.45
C ILE A 40 5.14 -7.26 16.76
N VAL A 41 5.14 -8.03 15.67
CA VAL A 41 6.35 -8.39 14.94
C VAL A 41 6.23 -7.85 13.51
N VAL A 42 7.20 -7.05 13.10
CA VAL A 42 7.24 -6.48 11.76
C VAL A 42 8.53 -6.93 11.08
N SER A 43 8.43 -7.28 9.80
CA SER A 43 9.62 -7.64 9.03
C SER A 43 9.77 -6.74 7.80
N ILE A 44 10.97 -6.23 7.62
CA ILE A 44 11.35 -5.40 6.48
C ILE A 44 11.95 -6.29 5.40
N LEU A 45 11.26 -6.41 4.25
CA LEU A 45 11.74 -7.22 3.13
C LEU A 45 12.56 -6.26 2.27
N ASP A 46 13.89 -6.39 2.29
CA ASP A 46 14.70 -5.37 1.63
C ASP A 46 16.11 -5.90 1.42
N ASP A 47 17.13 -5.04 1.62
CA ASP A 47 18.51 -5.41 1.36
C ASP A 47 19.26 -5.80 2.63
N GLY A 48 18.53 -6.04 3.72
CA GLY A 48 19.11 -6.46 4.98
C GLY A 48 18.80 -5.47 6.09
N ILE A 49 19.22 -5.85 7.29
CA ILE A 49 18.96 -5.03 8.48
C ILE A 49 20.19 -5.13 9.37
N GLU A 50 20.70 -3.97 9.81
CA GLU A 50 21.86 -3.92 10.70
C GLU A 50 21.36 -4.30 12.09
N LYS A 51 21.44 -5.60 12.41
CA LYS A 51 20.74 -6.09 13.59
C LYS A 51 21.39 -5.63 14.88
N ASN A 52 22.64 -5.20 14.81
CA ASN A 52 23.38 -4.67 15.94
C ASN A 52 23.38 -3.15 15.99
N HIS A 53 22.54 -2.48 15.20
CA HIS A 53 22.48 -1.04 15.24
C HIS A 53 22.05 -0.60 16.65
N PRO A 54 22.70 0.40 17.23
CA PRO A 54 22.34 0.81 18.60
C PRO A 54 20.89 1.25 18.75
N ASP A 55 20.20 1.63 17.69
CA ASP A 55 18.77 1.92 17.83
C ASP A 55 17.85 0.80 17.36
N LEU A 56 18.39 -0.34 16.90
CA LEU A 56 17.57 -1.49 16.54
C LEU A 56 17.79 -2.72 17.41
N ALA A 57 18.98 -2.88 18.00
CA ALA A 57 19.33 -4.14 18.65
C ALA A 57 18.33 -4.52 19.73
N GLY A 58 17.87 -3.54 20.51
CA GLY A 58 16.92 -3.82 21.57
C GLY A 58 15.58 -4.37 21.12
N ASN A 59 15.19 -4.12 19.88
CA ASN A 59 13.94 -4.63 19.32
C ASN A 59 14.14 -5.71 18.28
N TYR A 60 15.39 -6.08 17.99
CA TYR A 60 15.63 -7.00 16.89
C TYR A 60 15.08 -8.38 17.19
N ASP A 61 14.52 -9.02 16.16
CA ASP A 61 13.89 -10.33 16.30
C ASP A 61 14.42 -11.26 15.23
N PRO A 62 15.31 -12.20 15.58
CA PRO A 62 15.77 -13.16 14.56
C PRO A 62 14.66 -13.98 13.97
N GLY A 63 13.56 -14.20 14.70
CA GLY A 63 12.45 -14.95 14.13
C GLY A 63 11.73 -14.20 13.00
N ALA A 64 11.96 -12.90 12.90
CA ALA A 64 11.38 -12.08 11.87
C ALA A 64 12.34 -11.86 10.73
N SER A 65 13.42 -12.63 10.66
CA SER A 65 14.52 -12.32 9.79
C SER A 65 15.04 -13.56 9.08
N PHE A 66 15.62 -13.32 7.91
CA PHE A 66 16.26 -14.38 7.15
C PHE A 66 17.07 -13.71 6.04
N ASP A 67 18.02 -14.45 5.51
CA ASP A 67 18.81 -13.96 4.37
C ASP A 67 18.50 -14.89 3.21
N VAL A 68 17.58 -14.47 2.34
CA VAL A 68 17.20 -15.27 1.19
C VAL A 68 18.26 -15.21 0.12
N ASN A 69 19.01 -14.11 0.03
CA ASN A 69 20.00 -13.97 -1.03
C ASN A 69 21.15 -14.96 -0.84
N ASP A 70 21.62 -15.13 0.39
CA ASP A 70 22.73 -16.04 0.69
C ASP A 70 22.29 -17.31 1.40
N GLN A 71 21.00 -17.48 1.66
CA GLN A 71 20.45 -18.70 2.26
C GLN A 71 21.10 -18.96 3.62
N ASP A 72 20.86 -18.03 4.54
CA ASP A 72 21.29 -18.19 5.92
C ASP A 72 20.37 -17.36 6.79
N PRO A 73 20.45 -17.49 8.12
CA PRO A 73 19.47 -16.81 8.97
C PRO A 73 19.81 -15.35 9.21
N ASP A 74 21.02 -14.90 8.84
CA ASP A 74 21.55 -13.63 9.31
C ASP A 74 21.38 -12.56 8.25
N PRO A 75 20.48 -11.57 8.48
CA PRO A 75 20.17 -10.59 7.42
C PRO A 75 21.09 -9.38 7.38
N GLN A 76 22.24 -9.51 8.00
CA GLN A 76 23.16 -8.39 8.08
C GLN A 76 23.43 -7.87 6.68
N PRO A 77 23.44 -6.55 6.48
CA PRO A 77 23.70 -6.02 5.14
C PRO A 77 25.14 -6.27 4.72
N ARG A 78 25.34 -6.31 3.41
CA ARG A 78 26.66 -6.35 2.80
C ARG A 78 27.24 -4.94 2.71
N TYR A 79 28.36 -4.73 3.38
CA TYR A 79 28.95 -3.40 3.47
C TYR A 79 29.78 -3.14 2.23
N THR A 80 29.56 -1.97 1.65
CA THR A 80 30.31 -1.50 0.49
C THR A 80 30.67 -0.03 0.68
N GLN A 81 31.57 0.45 -0.16
CA GLN A 81 31.98 1.84 -0.08
C GLN A 81 30.84 2.80 -0.36
N MET A 82 29.96 2.43 -1.29
CA MET A 82 28.83 3.28 -1.66
C MET A 82 27.71 3.21 -0.62
N ASN A 83 27.79 2.32 0.36
CA ASN A 83 26.71 2.08 1.31
C ASN A 83 25.39 1.76 0.60
N ASP A 84 25.47 0.92 -0.43
CA ASP A 84 24.29 0.58 -1.23
C ASP A 84 23.19 -0.05 -0.39
N ASN A 85 23.57 -0.86 0.60
CA ASN A 85 22.64 -1.74 1.29
C ASN A 85 22.20 -1.15 2.61
N ARG A 86 22.02 0.17 2.63
CA ARG A 86 21.53 0.90 3.79
C ARG A 86 20.01 0.98 3.84
N HIS A 87 19.35 0.60 2.75
CA HIS A 87 17.94 0.93 2.54
C HIS A 87 17.04 0.20 3.54
N GLY A 88 17.28 -1.08 3.76
CA GLY A 88 16.48 -1.82 4.72
C GLY A 88 16.64 -1.34 6.16
N THR A 89 17.86 -0.96 6.54
CA THR A 89 18.07 -0.44 7.89
C THR A 89 17.31 0.87 8.10
N ARG A 90 17.35 1.74 7.10
CA ARG A 90 16.58 2.98 7.18
C ARG A 90 15.09 2.68 7.33
N CYS A 91 14.57 1.73 6.55
CA CYS A 91 13.15 1.40 6.69
C CYS A 91 12.84 0.83 8.08
N ALA A 92 13.74 -0.03 8.61
CA ALA A 92 13.46 -0.68 9.90
C ALA A 92 13.34 0.35 11.03
N GLY A 93 14.21 1.36 11.04
CA GLY A 93 14.21 2.34 12.12
C GLY A 93 12.95 3.17 12.15
N GLU A 94 12.35 3.36 10.98
CA GLU A 94 11.06 4.06 10.93
C GLU A 94 9.99 3.29 11.69
N VAL A 95 10.01 1.97 11.57
CA VAL A 95 9.02 1.16 12.26
C VAL A 95 9.33 1.10 13.74
N ALA A 96 10.59 0.76 14.09
CA ALA A 96 10.81 0.23 15.43
C ALA A 96 12.13 0.66 16.05
N ALA A 97 12.63 1.82 15.70
CA ALA A 97 13.80 2.33 16.41
C ALA A 97 13.46 2.45 17.90
N VAL A 98 14.43 2.06 18.74
CA VAL A 98 14.25 2.07 20.19
C VAL A 98 14.05 3.48 20.71
N ALA A 99 13.21 3.61 21.73
CA ALA A 99 12.90 4.90 22.31
C ALA A 99 13.66 5.10 23.63
N ASN A 100 13.89 6.36 23.98
CA ASN A 100 14.42 6.76 25.28
C ASN A 100 15.76 6.10 25.59
N ASN A 101 16.62 6.02 24.59
CA ASN A 101 17.92 5.40 24.76
C ASN A 101 19.04 6.33 24.33
N GLY A 102 18.78 7.63 24.22
CA GLY A 102 19.81 8.57 23.87
C GLY A 102 20.39 8.43 22.48
N VAL A 103 19.75 7.68 21.58
CA VAL A 103 20.27 7.42 20.24
C VAL A 103 19.20 7.81 19.23
N CYS A 104 19.60 8.62 18.25
CA CYS A 104 18.78 8.96 17.05
C CYS A 104 17.36 9.33 17.47
N GLY A 105 16.32 8.80 16.79
CA GLY A 105 14.95 9.14 17.14
C GLY A 105 14.22 7.93 17.64
N VAL A 106 12.94 7.76 17.24
CA VAL A 106 12.18 6.60 17.66
C VAL A 106 11.38 6.05 16.49
N GLY A 107 11.09 4.75 16.56
CA GLY A 107 10.13 4.17 15.63
C GLY A 107 8.71 4.59 15.95
N VAL A 108 7.82 4.41 14.97
CA VAL A 108 6.40 4.58 15.24
C VAL A 108 5.95 3.61 16.31
N ALA A 109 6.40 2.37 16.20
CA ALA A 109 6.06 1.29 17.13
C ALA A 109 7.35 0.93 17.84
N TYR A 110 7.80 1.81 18.75
CA TYR A 110 9.16 1.71 19.27
C TYR A 110 9.34 0.59 20.28
N ASN A 111 8.28 -0.15 20.60
CA ASN A 111 8.38 -1.36 21.42
C ASN A 111 8.03 -2.61 20.65
N ALA A 112 7.82 -2.50 19.34
CA ALA A 112 7.57 -3.69 18.55
C ALA A 112 8.87 -4.46 18.32
N ARG A 113 8.73 -5.71 17.89
N ARG A 113 8.72 -5.71 17.89
CA ARG A 113 9.86 -6.51 17.47
CA ARG A 113 9.83 -6.53 17.46
C ARG A 113 10.04 -6.33 15.97
C ARG A 113 10.04 -6.29 15.97
N ILE A 114 11.30 -6.20 15.55
CA ILE A 114 11.64 -5.81 14.19
C ILE A 114 12.66 -6.79 13.62
N GLY A 115 12.37 -7.28 12.41
CA GLY A 115 13.28 -8.13 11.67
C GLY A 115 13.47 -7.63 10.26
N GLY A 116 14.34 -8.31 9.54
CA GLY A 116 14.58 -7.99 8.17
C GLY A 116 14.82 -9.23 7.35
N VAL A 117 14.30 -9.25 6.12
CA VAL A 117 14.63 -10.27 5.15
C VAL A 117 15.58 -9.65 4.12
N ARG A 118 16.78 -10.21 4.03
CA ARG A 118 17.77 -9.79 3.04
C ARG A 118 17.39 -10.53 1.75
N MET A 119 16.76 -9.82 0.83
CA MET A 119 16.34 -10.45 -0.41
C MET A 119 16.52 -9.59 -1.65
N LEU A 120 16.88 -8.30 -1.54
CA LEU A 120 17.12 -7.48 -2.72
C LEU A 120 18.55 -7.52 -3.21
N ASP A 121 19.48 -8.01 -2.38
CA ASP A 121 20.92 -7.91 -2.70
C ASP A 121 21.32 -9.13 -3.53
N GLY A 122 20.82 -9.16 -4.75
CA GLY A 122 20.93 -10.31 -5.63
C GLY A 122 19.81 -10.27 -6.65
N GLU A 123 19.78 -11.32 -7.47
CA GLU A 123 18.71 -11.42 -8.46
C GLU A 123 17.40 -11.74 -7.74
N VAL A 124 16.40 -10.89 -7.93
CA VAL A 124 15.14 -11.01 -7.21
C VAL A 124 14.23 -11.83 -8.11
N THR A 125 14.28 -13.14 -7.94
CA THR A 125 13.40 -14.00 -8.71
C THR A 125 12.05 -14.15 -8.03
N ASP A 126 11.11 -14.77 -8.76
CA ASP A 126 9.81 -15.11 -8.18
C ASP A 126 9.99 -15.94 -6.91
N ALA A 127 10.88 -16.93 -6.96
CA ALA A 127 11.11 -17.75 -5.78
C ALA A 127 11.64 -16.94 -4.61
N VAL A 128 12.56 -16.00 -4.86
CA VAL A 128 13.09 -15.15 -3.79
C VAL A 128 11.97 -14.34 -3.16
N GLU A 129 11.13 -13.74 -3.98
CA GLU A 129 10.01 -12.98 -3.43
C GLU A 129 9.10 -13.87 -2.59
N ALA A 130 8.80 -15.07 -3.08
CA ALA A 130 7.85 -15.95 -2.41
C ALA A 130 8.40 -16.42 -1.07
N ARG A 131 9.68 -16.75 -1.01
CA ARG A 131 10.28 -17.19 0.24
C ARG A 131 10.32 -16.05 1.26
N SER A 132 10.32 -14.80 0.78
CA SER A 132 10.36 -13.65 1.68
C SER A 132 8.97 -13.29 2.20
N LEU A 133 8.00 -13.20 1.27
CA LEU A 133 6.61 -12.97 1.62
C LEU A 133 6.04 -14.06 2.51
N GLY A 134 6.56 -15.28 2.39
CA GLY A 134 6.06 -16.41 3.13
C GLY A 134 6.90 -16.80 4.33
N LEU A 135 7.79 -15.90 4.77
CA LEU A 135 8.65 -16.23 5.90
C LEU A 135 7.89 -16.21 7.22
N ASN A 136 8.00 -17.31 7.97
N ASN A 136 8.01 -17.30 7.98
CA ASN A 136 7.50 -17.47 9.33
CA ASN A 136 7.52 -17.43 9.35
C ASN A 136 6.17 -16.75 9.52
C ASN A 136 6.16 -16.74 9.52
N PRO A 137 5.15 -17.14 8.74
CA PRO A 137 3.89 -16.37 8.74
C PRO A 137 3.03 -16.56 9.98
N ASN A 138 3.36 -17.46 10.87
CA ASN A 138 2.69 -17.55 12.16
C ASN A 138 3.45 -16.82 13.25
N HIS A 139 4.58 -16.21 12.93
CA HIS A 139 5.32 -15.36 13.86
C HIS A 139 5.29 -13.91 13.42
N ILE A 140 5.58 -13.63 12.16
CA ILE A 140 5.59 -12.27 11.65
C ILE A 140 4.15 -11.84 11.43
N HIS A 141 3.79 -10.65 11.90
CA HIS A 141 2.46 -10.13 11.72
C HIS A 141 2.34 -9.26 10.47
N ILE A 142 3.33 -8.43 10.24
CA ILE A 142 3.28 -7.36 9.26
C ILE A 142 4.57 -7.39 8.44
N TYR A 143 4.42 -7.37 7.12
CA TYR A 143 5.53 -7.33 6.17
C TYR A 143 5.55 -5.98 5.46
N SER A 144 6.72 -5.37 5.37
CA SER A 144 6.85 -4.05 4.75
C SER A 144 7.80 -4.17 3.56
N ALA A 145 7.35 -3.67 2.40
CA ALA A 145 8.11 -3.77 1.16
C ALA A 145 8.20 -2.41 0.49
N SER A 146 9.40 -1.85 0.49
CA SER A 146 9.69 -0.59 -0.17
C SER A 146 10.51 -0.83 -1.44
N TRP A 147 9.96 -1.69 -2.30
CA TRP A 147 10.59 -2.08 -3.56
C TRP A 147 9.47 -2.56 -4.48
N GLY A 148 9.80 -2.72 -5.73
CA GLY A 148 8.87 -3.23 -6.70
C GLY A 148 9.37 -3.11 -8.13
N PRO A 149 8.46 -3.31 -9.07
CA PRO A 149 8.83 -3.21 -10.49
C PRO A 149 9.35 -1.82 -10.83
N GLU A 150 10.15 -1.79 -11.89
CA GLU A 150 10.75 -0.57 -12.38
C GLU A 150 9.71 0.52 -12.59
N ASP A 151 10.09 1.74 -12.21
CA ASP A 151 9.27 2.94 -12.30
C ASP A 151 9.63 3.74 -13.56
N ASP A 152 9.85 3.05 -14.67
CA ASP A 152 10.22 3.77 -15.88
C ASP A 152 9.03 4.32 -16.61
N GLY A 153 7.82 4.04 -16.12
CA GLY A 153 6.62 4.51 -16.78
C GLY A 153 6.26 3.74 -18.03
N LYS A 154 6.89 2.59 -18.25
CA LYS A 154 6.52 1.74 -19.35
C LYS A 154 6.32 0.28 -18.97
N THR A 155 6.61 -0.10 -17.74
CA THR A 155 6.55 -1.48 -17.30
C THR A 155 5.13 -1.80 -16.83
N VAL A 156 4.66 -2.99 -17.21
CA VAL A 156 3.50 -3.61 -16.57
C VAL A 156 3.98 -4.93 -15.98
N ASP A 157 3.94 -5.06 -14.66
CA ASP A 157 4.62 -6.17 -14.02
C ASP A 157 4.03 -6.38 -12.65
N GLY A 158 3.89 -7.64 -12.26
CA GLY A 158 3.31 -7.98 -10.99
C GLY A 158 3.87 -9.29 -10.48
N PRO A 159 3.40 -9.77 -9.34
CA PRO A 159 3.89 -11.04 -8.80
C PRO A 159 3.66 -12.18 -9.78
N ALA A 160 4.69 -12.97 -10.00
CA ALA A 160 4.55 -14.23 -10.73
C ALA A 160 3.94 -15.29 -9.81
N ARG A 161 3.93 -16.55 -10.24
CA ARG A 161 3.06 -17.52 -9.60
C ARG A 161 3.42 -17.78 -8.13
N LEU A 162 4.70 -17.99 -7.84
CA LEU A 162 5.07 -18.30 -6.45
C LEU A 162 4.77 -17.14 -5.53
N ALA A 163 5.06 -15.92 -5.98
CA ALA A 163 4.79 -14.77 -5.15
C ALA A 163 3.30 -14.57 -4.93
N GLU A 164 2.49 -14.76 -5.98
CA GLU A 164 1.04 -14.64 -5.79
C GLU A 164 0.52 -15.72 -4.85
N GLU A 165 1.03 -16.95 -5.01
CA GLU A 165 0.69 -18.01 -4.06
C GLU A 165 1.08 -17.62 -2.64
N ALA A 166 2.21 -16.92 -2.49
CA ALA A 166 2.60 -16.49 -1.14
C ALA A 166 1.62 -15.47 -0.58
N PHE A 167 1.16 -14.54 -1.43
CA PHE A 167 0.13 -13.61 -0.97
C PHE A 167 -1.13 -14.36 -0.53
N PHE A 168 -1.57 -15.36 -1.31
CA PHE A 168 -2.84 -15.97 -0.95
C PHE A 168 -2.68 -16.81 0.31
N ARG A 169 -1.57 -17.54 0.40
CA ARG A 169 -1.29 -18.33 1.60
C ARG A 169 -1.19 -17.45 2.82
N GLY A 170 -0.56 -16.27 2.66
CA GLY A 170 -0.40 -15.35 3.78
C GLY A 170 -1.73 -14.83 4.29
N VAL A 171 -2.57 -14.34 3.38
CA VAL A 171 -3.82 -13.74 3.85
C VAL A 171 -4.80 -14.80 4.31
N SER A 172 -4.66 -16.03 3.82
CA SER A 172 -5.60 -17.10 4.20
C SER A 172 -5.21 -17.83 5.48
N GLN A 173 -4.00 -18.35 5.55
CA GLN A 173 -3.55 -19.10 6.71
C GLN A 173 -2.58 -18.35 7.62
N GLY A 174 -1.97 -17.26 7.15
CA GLY A 174 -1.04 -16.53 7.99
C GLY A 174 -1.71 -15.92 9.21
N ARG A 175 -0.88 -15.64 10.22
CA ARG A 175 -1.31 -15.02 11.47
C ARG A 175 -2.49 -15.77 12.07
N GLY A 176 -2.37 -17.09 12.15
CA GLY A 176 -3.40 -17.87 12.77
C GLY A 176 -4.70 -17.92 12.00
N GLY A 177 -4.65 -17.67 10.70
CA GLY A 177 -5.83 -17.59 9.88
C GLY A 177 -6.42 -16.20 9.76
N LEU A 178 -5.88 -15.22 10.50
CA LEU A 178 -6.38 -13.86 10.37
C LEU A 178 -5.81 -13.16 9.15
N GLY A 179 -4.66 -13.60 8.67
CA GLY A 179 -4.08 -13.09 7.45
C GLY A 179 -2.89 -12.17 7.68
N SER A 180 -1.77 -12.48 7.01
CA SER A 180 -0.61 -11.61 7.01
C SER A 180 -0.99 -10.24 6.49
N ILE A 181 -0.40 -9.21 7.09
CA ILE A 181 -0.59 -7.84 6.65
C ILE A 181 0.60 -7.46 5.80
N PHE A 182 0.35 -7.18 4.50
CA PHE A 182 1.39 -6.77 3.56
C PHE A 182 1.26 -5.29 3.24
N VAL A 183 2.30 -4.52 3.56
CA VAL A 183 2.29 -3.07 3.35
C VAL A 183 3.28 -2.78 2.23
N TRP A 184 2.84 -1.98 1.24
CA TRP A 184 3.64 -1.76 0.04
C TRP A 184 3.80 -0.27 -0.25
N ALA A 185 5.01 0.14 -0.65
CA ALA A 185 5.21 1.50 -1.13
C ALA A 185 4.69 1.63 -2.56
N SER A 186 3.91 2.68 -2.82
CA SER A 186 3.21 2.74 -4.10
C SER A 186 4.11 3.09 -5.28
N GLY A 187 5.29 3.66 -5.05
CA GLY A 187 6.23 3.81 -6.17
C GLY A 187 6.91 5.16 -6.27
N ASN A 188 8.00 5.25 -7.04
CA ASN A 188 8.71 6.50 -7.24
C ASN A 188 8.62 7.00 -8.68
N GLY A 189 7.62 6.56 -9.44
CA GLY A 189 7.57 6.87 -10.86
C GLY A 189 6.94 8.18 -11.26
N GLY A 190 6.76 9.10 -10.32
CA GLY A 190 6.06 10.35 -10.66
C GLY A 190 6.66 11.11 -11.82
N ARG A 191 8.00 11.20 -11.86
CA ARG A 191 8.68 11.96 -12.91
C ARG A 191 8.46 11.33 -14.27
N GLU A 192 8.27 10.02 -14.32
CA GLU A 192 8.02 9.27 -15.55
C GLU A 192 6.52 9.14 -15.82
N HIS A 193 5.68 9.84 -15.06
CA HIS A 193 4.22 9.72 -15.19
C HIS A 193 3.75 8.26 -15.10
N ASP A 194 4.38 7.51 -14.23
CA ASP A 194 4.00 6.12 -14.01
C ASP A 194 2.63 6.04 -13.33
N SER A 195 2.00 4.88 -13.49
CA SER A 195 0.75 4.56 -12.81
C SER A 195 0.97 3.37 -11.88
N CYS A 196 0.62 3.53 -10.59
CA CYS A 196 0.81 2.41 -9.68
C CYS A 196 -0.23 1.31 -9.91
N ASN A 197 -1.17 1.47 -10.86
CA ASN A 197 -1.98 0.32 -11.23
C ASN A 197 -1.29 -0.61 -12.20
N CYS A 198 -0.14 -0.21 -12.77
CA CYS A 198 0.64 -1.07 -13.66
C CYS A 198 1.67 -1.88 -12.91
N ASP A 199 1.55 -1.92 -11.59
CA ASP A 199 2.44 -2.58 -10.65
C ASP A 199 1.53 -3.56 -9.92
N GLY A 200 1.74 -4.87 -10.14
CA GLY A 200 0.82 -5.84 -9.56
C GLY A 200 0.93 -5.98 -8.05
N TYR A 201 2.03 -5.53 -7.46
CA TYR A 201 2.20 -5.61 -6.01
C TYR A 201 1.33 -4.58 -5.30
N THR A 202 1.38 -3.34 -5.79
CA THR A 202 0.58 -2.28 -5.19
C THR A 202 -0.88 -2.44 -5.57
N ASN A 203 -1.14 -2.89 -6.79
CA ASN A 203 -2.46 -3.11 -7.33
C ASN A 203 -3.15 -4.31 -6.73
N SER A 204 -2.44 -5.15 -6.00
CA SER A 204 -3.04 -6.33 -5.38
C SER A 204 -4.04 -5.92 -4.31
N ILE A 205 -5.10 -6.73 -4.15
CA ILE A 205 -6.01 -6.43 -3.03
C ILE A 205 -5.37 -6.85 -1.70
N TYR A 206 -4.34 -7.71 -1.75
CA TYR A 206 -3.75 -8.26 -0.52
C TYR A 206 -2.72 -7.35 0.09
N THR A 207 -2.39 -6.25 -0.56
CA THR A 207 -1.43 -5.27 -0.04
C THR A 207 -2.11 -3.96 0.26
N LEU A 208 -1.66 -3.29 1.31
CA LEU A 208 -2.05 -1.91 1.61
C LEU A 208 -1.01 -1.04 0.91
N SER A 209 -1.38 -0.46 -0.22
CA SER A 209 -0.46 0.37 -0.99
C SER A 209 -0.53 1.78 -0.45
N ILE A 210 0.64 2.34 -0.13
CA ILE A 210 0.75 3.58 0.63
C ILE A 210 1.48 4.61 -0.21
N SER A 211 0.88 5.79 -0.39
CA SER A 211 1.50 6.89 -1.09
C SER A 211 2.05 7.92 -0.09
N SER A 212 2.58 9.01 -0.64
CA SER A 212 3.35 9.99 0.14
C SER A 212 2.77 11.39 0.04
N ALA A 213 2.97 12.18 1.09
CA ALA A 213 2.72 13.61 1.06
C ALA A 213 3.96 14.33 1.58
N THR A 214 4.22 15.51 1.02
CA THR A 214 5.31 16.33 1.52
C THR A 214 4.88 17.05 2.83
N GLN A 215 5.85 17.63 3.53
CA GLN A 215 5.57 18.29 4.80
C GLN A 215 4.51 19.38 4.64
N PHE A 216 4.55 20.12 3.54
CA PHE A 216 3.58 21.19 3.33
C PHE A 216 2.27 20.68 2.72
N GLY A 217 2.07 19.37 2.69
CA GLY A 217 0.81 18.81 2.23
C GLY A 217 0.64 18.70 0.73
N ASN A 218 1.72 18.52 -0.01
CA ASN A 218 1.64 18.44 -1.47
C ASN A 218 2.02 17.05 -1.95
N VAL A 219 1.71 16.81 -3.23
CA VAL A 219 2.02 15.58 -3.95
C VAL A 219 3.49 15.64 -4.35
N PRO A 220 4.33 14.80 -3.76
CA PRO A 220 5.77 14.87 -4.05
C PRO A 220 6.04 14.59 -5.52
N TRP A 221 7.18 15.10 -5.97
CA TRP A 221 7.60 14.89 -7.36
C TRP A 221 7.59 13.41 -7.76
N TYR A 222 7.94 12.50 -6.84
CA TYR A 222 8.11 11.08 -7.15
C TYR A 222 6.79 10.31 -7.10
N SER A 223 5.72 10.93 -6.64
CA SER A 223 4.46 10.21 -6.38
C SER A 223 3.81 9.71 -7.66
N GLU A 224 3.29 8.49 -7.58
CA GLU A 224 2.50 7.90 -8.65
C GLU A 224 1.04 7.92 -8.24
N ALA A 225 0.17 8.35 -9.15
CA ALA A 225 -1.27 8.33 -8.92
C ALA A 225 -1.88 7.04 -9.49
N CYS A 226 -2.85 6.48 -8.78
CA CYS A 226 -3.60 5.34 -9.31
C CYS A 226 -4.75 5.04 -8.34
N SER A 227 -5.70 4.24 -8.81
CA SER A 227 -6.89 3.93 -8.02
C SER A 227 -6.65 2.85 -6.98
N SER A 228 -5.54 2.12 -7.06
CA SER A 228 -5.33 1.04 -6.10
C SER A 228 -4.74 1.52 -4.77
N THR A 229 -4.21 2.72 -4.72
CA THR A 229 -3.65 3.24 -3.48
C THR A 229 -4.74 3.35 -2.43
N LEU A 230 -4.38 3.04 -1.20
CA LEU A 230 -5.35 3.06 -0.11
C LEU A 230 -5.22 4.27 0.80
N ALA A 231 -3.99 4.68 1.14
CA ALA A 231 -3.81 5.81 2.04
C ALA A 231 -2.39 6.34 1.87
N THR A 232 -2.04 7.29 2.74
CA THR A 232 -0.84 8.09 2.61
C THR A 232 -0.13 8.26 3.94
N THR A 233 1.19 8.32 3.88
CA THR A 233 1.94 8.86 5.01
C THR A 233 2.90 9.92 4.51
N TYR A 234 3.39 10.73 5.43
CA TYR A 234 4.38 11.74 5.06
C TYR A 234 5.71 11.13 4.60
N SER A 235 6.36 11.82 3.67
CA SER A 235 7.73 11.52 3.31
C SER A 235 8.38 12.83 2.87
N SER A 236 9.37 12.76 2.01
CA SER A 236 10.13 13.91 1.61
C SER A 236 9.43 14.69 0.49
N GLY A 237 9.95 15.88 0.22
CA GLY A 237 9.43 16.78 -0.79
C GLY A 237 10.57 17.64 -1.35
N ASN A 238 10.43 18.96 -1.32
CA ASN A 238 11.47 19.82 -1.85
C ASN A 238 12.51 20.08 -0.74
N GLN A 239 13.51 20.86 -1.05
CA GLN A 239 14.62 21.02 -0.12
C GLN A 239 14.33 22.03 0.99
N ASN A 240 13.16 22.65 1.00
CA ASN A 240 12.72 23.44 2.14
C ASN A 240 11.86 22.61 3.09
N GLU A 241 11.49 21.40 2.70
CA GLU A 241 10.62 20.56 3.48
C GLU A 241 11.47 19.51 4.19
N LYS A 242 11.09 19.18 5.41
CA LYS A 242 11.86 18.22 6.19
C LYS A 242 11.66 16.80 5.65
N GLN A 243 12.52 15.90 6.10
CA GLN A 243 12.54 14.52 5.60
C GLN A 243 12.42 13.58 6.78
N ILE A 244 12.75 12.32 6.58
CA ILE A 244 12.46 11.28 7.57
C ILE A 244 13.72 10.94 8.33
N VAL A 245 13.57 10.78 9.65
CA VAL A 245 14.66 10.54 10.60
C VAL A 245 14.67 9.07 10.95
N THR A 246 15.82 8.41 10.78
CA THR A 246 15.86 6.98 11.04
C THR A 246 17.30 6.48 11.20
N THR A 247 17.40 5.20 11.53
CA THR A 247 18.66 4.50 11.65
C THR A 247 19.30 4.30 10.29
N ASP A 248 20.61 4.52 10.24
CA ASP A 248 21.37 4.38 9.00
C ASP A 248 22.44 3.32 9.16
N LEU A 249 22.96 2.88 8.03
CA LEU A 249 24.02 1.87 8.01
C LEU A 249 25.24 2.37 8.77
N ARG A 250 26.00 1.42 9.27
CA ARG A 250 27.22 1.71 10.04
C ARG A 250 26.91 2.43 11.34
N GLN A 251 25.76 2.09 11.93
CA GLN A 251 25.39 2.50 13.28
C GLN A 251 25.20 3.99 13.39
N LYS A 252 24.77 4.61 12.31
CA LYS A 252 24.58 6.04 12.21
C LYS A 252 23.09 6.39 12.25
N CYS A 253 22.83 7.68 12.29
CA CYS A 253 21.50 8.28 12.27
C CYS A 253 21.42 9.18 11.05
N THR A 254 20.30 9.14 10.33
CA THR A 254 20.10 9.99 9.17
C THR A 254 18.82 10.80 9.39
N GLU A 255 18.85 12.03 8.91
CA GLU A 255 17.66 12.86 8.86
C GLU A 255 17.19 13.10 7.43
N SER A 256 17.68 12.30 6.49
CA SER A 256 17.42 12.53 5.08
C SER A 256 16.97 11.25 4.37
N HIS A 257 16.14 10.44 5.01
CA HIS A 257 15.45 9.34 4.34
C HIS A 257 14.26 9.90 3.56
N THR A 258 14.03 9.35 2.37
CA THR A 258 13.21 10.05 1.40
C THR A 258 12.38 9.08 0.55
N GLY A 259 11.46 9.65 -0.24
CA GLY A 259 10.79 8.93 -1.31
C GLY A 259 9.70 8.00 -0.83
N THR A 260 9.18 7.24 -1.80
CA THR A 260 8.14 6.28 -1.47
C THR A 260 8.61 5.31 -0.43
N SER A 261 9.92 5.04 -0.40
CA SER A 261 10.48 4.04 0.50
C SER A 261 10.16 4.33 1.95
N ALA A 262 10.10 5.62 2.33
CA ALA A 262 9.89 5.98 3.73
C ALA A 262 8.43 5.91 4.16
N SER A 263 7.50 5.93 3.21
CA SER A 263 6.07 5.96 3.57
C SER A 263 5.52 4.62 4.02
N ALA A 264 5.88 3.53 3.34
CA ALA A 264 5.37 2.22 3.75
C ALA A 264 5.79 1.86 5.16
N PRO A 265 7.06 2.05 5.58
CA PRO A 265 7.43 1.68 6.96
C PRO A 265 6.65 2.46 8.01
N LEU A 266 6.37 3.74 7.78
CA LEU A 266 5.56 4.47 8.73
C LEU A 266 4.16 3.88 8.84
N ALA A 267 3.58 3.48 7.70
CA ALA A 267 2.28 2.82 7.72
C ALA A 267 2.36 1.49 8.45
N ALA A 268 3.44 0.74 8.21
CA ALA A 268 3.61 -0.54 8.90
C ALA A 268 3.67 -0.35 10.40
N GLY A 269 4.36 0.71 10.85
CA GLY A 269 4.40 0.99 12.27
C GLY A 269 3.04 1.33 12.85
N ILE A 270 2.29 2.18 12.16
CA ILE A 270 0.93 2.51 12.61
C ILE A 270 0.04 1.28 12.65
N ILE A 271 0.18 0.40 11.65
CA ILE A 271 -0.58 -0.84 11.66
C ILE A 271 -0.15 -1.73 12.83
N ALA A 272 1.13 -1.67 13.21
CA ALA A 272 1.58 -2.41 14.38
C ALA A 272 0.90 -1.92 15.65
N LEU A 273 0.82 -0.60 15.81
CA LEU A 273 0.11 -0.05 16.96
C LEU A 273 -1.34 -0.49 16.96
N THR A 274 -1.96 -0.51 15.77
CA THR A 274 -3.37 -0.88 15.66
C THR A 274 -3.58 -2.36 16.03
N LEU A 275 -2.68 -3.23 15.57
CA LEU A 275 -2.77 -4.63 15.94
C LEU A 275 -2.57 -4.85 17.43
N GLU A 276 -1.73 -4.05 18.08
CA GLU A 276 -1.62 -4.16 19.53
C GLU A 276 -2.95 -3.85 20.20
N ALA A 277 -3.68 -2.87 19.65
CA ALA A 277 -4.97 -2.49 20.22
C ALA A 277 -6.03 -3.56 20.00
N ASN A 278 -5.85 -4.43 18.99
CA ASN A 278 -6.80 -5.51 18.75
C ASN A 278 -6.08 -6.58 17.92
N LYS A 279 -5.58 -7.61 18.60
CA LYS A 279 -4.80 -8.63 17.92
C LYS A 279 -5.65 -9.54 17.06
N ASN A 280 -6.99 -9.45 17.17
CA ASN A 280 -7.90 -10.31 16.45
C ASN A 280 -8.31 -9.73 15.10
N LEU A 281 -7.71 -8.63 14.70
CA LEU A 281 -8.08 -7.98 13.44
C LEU A 281 -7.60 -8.82 12.26
N THR A 282 -8.46 -8.97 11.27
CA THR A 282 -8.07 -9.70 10.07
C THR A 282 -7.39 -8.75 9.08
N TRP A 283 -6.82 -9.33 8.03
CA TRP A 283 -6.19 -8.52 6.99
C TRP A 283 -7.19 -7.58 6.37
N ARG A 284 -8.45 -8.02 6.20
CA ARG A 284 -9.45 -7.13 5.64
C ARG A 284 -9.90 -6.09 6.67
N ASP A 285 -10.05 -6.50 7.95
CA ASP A 285 -10.38 -5.55 9.01
C ASP A 285 -9.43 -4.35 8.92
N MET A 286 -8.14 -4.64 8.77
CA MET A 286 -7.14 -3.58 8.80
C MET A 286 -7.35 -2.60 7.65
N GLN A 287 -7.73 -3.10 6.47
CA GLN A 287 -8.01 -2.18 5.37
C GLN A 287 -9.26 -1.36 5.63
N HIS A 288 -10.28 -1.96 6.24
CA HIS A 288 -11.46 -1.20 6.63
C HIS A 288 -11.09 -0.07 7.59
N LEU A 289 -10.28 -0.36 8.60
CA LEU A 289 -9.89 0.66 9.57
C LEU A 289 -9.16 1.80 8.87
N VAL A 290 -8.25 1.48 7.94
CA VAL A 290 -7.54 2.51 7.19
C VAL A 290 -8.52 3.36 6.41
N VAL A 291 -9.48 2.73 5.72
CA VAL A 291 -10.45 3.50 4.94
C VAL A 291 -11.22 4.46 5.83
N GLN A 292 -11.71 3.97 6.98
CA GLN A 292 -12.60 4.77 7.81
C GLN A 292 -11.87 5.89 8.54
N THR A 293 -10.60 5.71 8.88
CA THR A 293 -9.96 6.68 9.77
C THR A 293 -9.00 7.65 9.08
N SER A 294 -8.63 7.41 7.82
CA SER A 294 -7.63 8.26 7.17
C SER A 294 -8.22 9.63 6.86
N LYS A 295 -7.35 10.62 6.80
CA LYS A 295 -7.77 12.01 6.85
C LYS A 295 -7.33 12.75 5.60
N PRO A 296 -8.27 13.27 4.80
CA PRO A 296 -7.86 14.06 3.63
C PRO A 296 -7.35 15.45 3.99
N ALA A 297 -7.77 15.98 5.13
CA ALA A 297 -7.69 17.42 5.37
C ALA A 297 -6.31 17.98 5.07
N HIS A 298 -6.30 19.05 4.30
CA HIS A 298 -5.11 19.84 3.99
C HIS A 298 -4.10 19.14 3.09
N LEU A 299 -4.39 17.94 2.62
CA LEU A 299 -3.59 17.38 1.54
C LEU A 299 -4.09 17.99 0.24
N ASN A 300 -3.16 18.57 -0.53
CA ASN A 300 -3.51 19.29 -1.75
C ASN A 300 -3.45 18.35 -2.96
N ALA A 301 -4.56 18.28 -3.70
CA ALA A 301 -4.64 17.53 -4.94
C ALA A 301 -5.77 18.15 -5.75
N ASN A 302 -5.67 18.05 -7.06
CA ASN A 302 -6.74 18.59 -7.89
C ASN A 302 -7.82 17.57 -8.23
N ASP A 303 -7.74 16.35 -7.70
CA ASP A 303 -8.69 15.30 -8.06
C ASP A 303 -9.48 14.75 -6.88
N TRP A 304 -9.54 15.49 -5.77
CA TRP A 304 -10.34 15.02 -4.66
C TRP A 304 -11.77 14.83 -5.15
N ALA A 305 -12.37 13.68 -4.84
CA ALA A 305 -13.75 13.39 -5.20
C ALA A 305 -14.43 12.71 -4.02
N THR A 306 -15.71 12.98 -3.85
CA THR A 306 -16.49 12.34 -2.80
C THR A 306 -17.15 11.11 -3.40
N ASN A 307 -16.94 9.94 -2.80
CA ASN A 307 -17.49 8.72 -3.35
C ASN A 307 -18.93 8.52 -2.89
N GLY A 308 -19.49 7.34 -3.14
CA GLY A 308 -20.92 7.14 -2.95
C GLY A 308 -21.35 7.07 -1.51
N VAL A 309 -20.39 6.87 -0.60
CA VAL A 309 -20.68 6.84 0.83
C VAL A 309 -20.11 8.06 1.55
N GLY A 310 -19.80 9.11 0.81
CA GLY A 310 -19.45 10.37 1.39
C GLY A 310 -18.01 10.52 1.79
N ARG A 311 -17.13 9.60 1.41
CA ARG A 311 -15.73 9.69 1.75
C ARG A 311 -14.96 10.34 0.62
N LYS A 312 -14.06 11.26 0.99
CA LYS A 312 -13.19 11.88 -0.01
C LYS A 312 -12.05 10.94 -0.37
N VAL A 313 -11.75 10.86 -1.66
CA VAL A 313 -10.73 9.95 -2.15
C VAL A 313 -10.00 10.60 -3.30
N SER A 314 -8.69 10.40 -3.36
CA SER A 314 -7.81 10.97 -4.37
C SER A 314 -6.96 9.85 -4.94
N HIS A 315 -6.57 10.00 -6.21
CA HIS A 315 -5.67 9.01 -6.79
C HIS A 315 -4.24 9.21 -6.35
N SER A 316 -3.92 10.38 -5.79
CA SER A 316 -2.60 10.63 -5.23
C SER A 316 -2.46 10.13 -3.79
N TYR A 317 -3.56 10.05 -3.05
CA TYR A 317 -3.52 9.86 -1.61
C TYR A 317 -4.43 8.76 -1.10
N GLY A 318 -5.26 8.15 -1.95
CA GLY A 318 -6.23 7.19 -1.45
C GLY A 318 -7.20 7.96 -0.57
N TYR A 319 -7.47 7.44 0.62
CA TYR A 319 -8.37 8.06 1.58
C TYR A 319 -7.68 9.11 2.45
N GLY A 320 -6.41 9.37 2.23
CA GLY A 320 -5.73 10.44 2.91
C GLY A 320 -4.66 9.92 3.85
N LEU A 321 -4.28 10.81 4.77
CA LEU A 321 -3.20 10.51 5.70
C LEU A 321 -3.65 9.53 6.77
N LEU A 322 -2.77 8.58 7.10
CA LEU A 322 -3.08 7.74 8.25
C LEU A 322 -3.13 8.58 9.52
N ASP A 323 -3.96 8.15 10.46
CA ASP A 323 -4.19 8.78 11.76
C ASP A 323 -4.08 7.68 12.81
N ALA A 324 -2.91 7.57 13.43
CA ALA A 324 -2.64 6.46 14.35
C ALA A 324 -3.60 6.49 15.54
N GLY A 325 -3.83 7.67 16.13
CA GLY A 325 -4.71 7.72 17.28
C GLY A 325 -6.11 7.24 16.94
N ALA A 326 -6.59 7.59 15.74
CA ALA A 326 -7.93 7.19 15.33
C ALA A 326 -7.98 5.70 15.02
N MET A 327 -6.88 5.18 14.44
CA MET A 327 -6.78 3.75 14.14
C MET A 327 -6.86 2.91 15.42
N VAL A 328 -6.07 3.26 16.44
CA VAL A 328 -6.02 2.42 17.64
C VAL A 328 -7.33 2.52 18.39
N ALA A 329 -7.96 3.69 18.36
CA ALA A 329 -9.21 3.90 19.06
C ALA A 329 -10.31 3.05 18.44
N LEU A 330 -10.41 3.09 17.11
CA LEU A 330 -11.46 2.36 16.43
C LEU A 330 -11.22 0.86 16.44
N ALA A 331 -9.94 0.46 16.48
CA ALA A 331 -9.65 -0.98 16.51
C ALA A 331 -10.21 -1.67 17.75
N GLN A 332 -10.26 -0.96 18.89
CA GLN A 332 -10.44 -1.67 20.16
C GLN A 332 -11.78 -2.40 20.22
N ASN A 333 -12.86 -1.79 19.75
CA ASN A 333 -14.16 -2.44 19.77
C ASN A 333 -14.62 -2.85 18.38
N TRP A 334 -13.68 -3.04 17.46
CA TRP A 334 -14.01 -3.37 16.09
C TRP A 334 -14.65 -4.73 16.00
N THR A 335 -15.76 -4.82 15.28
CA THR A 335 -16.44 -6.08 15.00
C THR A 335 -15.88 -6.67 13.72
N THR A 336 -15.35 -7.88 13.83
CA THR A 336 -14.76 -8.55 12.67
C THR A 336 -15.70 -8.51 11.48
N VAL A 337 -15.16 -8.23 10.31
CA VAL A 337 -16.02 -8.20 9.12
C VAL A 337 -16.42 -9.61 8.71
N ALA A 338 -17.50 -9.70 7.95
CA ALA A 338 -17.98 -10.97 7.47
C ALA A 338 -17.01 -11.58 6.46
N PRO A 339 -17.15 -12.88 6.19
CA PRO A 339 -16.24 -13.50 5.22
C PRO A 339 -16.35 -12.82 3.88
N GLN A 340 -15.23 -12.78 3.19
CA GLN A 340 -15.17 -12.10 1.90
C GLN A 340 -15.91 -12.87 0.82
N ARG A 341 -16.80 -12.19 0.12
CA ARG A 341 -17.49 -12.72 -1.04
C ARG A 341 -16.85 -12.16 -2.31
N LYS A 342 -17.01 -12.90 -3.41
CA LYS A 342 -16.39 -12.59 -4.69
C LYS A 342 -17.44 -12.83 -5.77
N CYS A 343 -17.82 -11.78 -6.48
CA CYS A 343 -18.84 -11.86 -7.53
C CYS A 343 -18.16 -11.56 -8.84
N ILE A 344 -18.21 -12.51 -9.77
CA ILE A 344 -17.50 -12.46 -11.05
C ILE A 344 -18.52 -12.15 -12.14
N ILE A 345 -18.32 -11.05 -12.88
CA ILE A 345 -19.26 -10.64 -13.92
C ILE A 345 -18.47 -10.50 -15.22
N ASP A 346 -18.68 -11.43 -16.15
CA ASP A 346 -18.05 -11.35 -17.46
C ASP A 346 -18.93 -10.45 -18.31
N ILE A 347 -18.38 -9.30 -18.71
CA ILE A 347 -19.19 -8.19 -19.21
C ILE A 347 -19.46 -8.34 -20.70
N LEU A 348 -18.45 -8.70 -21.50
CA LEU A 348 -18.58 -8.60 -22.95
C LEU A 348 -19.30 -9.80 -23.57
N THR A 349 -20.12 -9.53 -24.58
CA THR A 349 -20.63 -10.61 -25.41
C THR A 349 -19.89 -10.75 -26.74
N GLU A 350 -19.01 -9.81 -27.06
CA GLU A 350 -18.23 -9.82 -28.30
C GLU A 350 -17.07 -8.85 -28.17
N PRO A 351 -15.97 -9.05 -28.87
CA PRO A 351 -14.89 -8.06 -28.82
C PRO A 351 -15.36 -6.71 -29.35
N LYS A 352 -14.69 -5.67 -28.90
CA LYS A 352 -15.03 -4.29 -29.21
C LYS A 352 -13.80 -3.54 -29.68
N ASP A 353 -13.88 -2.92 -30.86
N ASP A 353 -13.92 -2.88 -30.83
CA ASP A 353 -12.77 -2.11 -31.34
CA ASP A 353 -12.86 -2.03 -31.35
C ASP A 353 -12.67 -0.86 -30.48
C ASP A 353 -12.69 -0.81 -30.48
N ILE A 354 -11.45 -0.50 -30.11
CA ILE A 354 -11.24 0.65 -29.24
C ILE A 354 -11.32 1.94 -30.04
N GLY A 355 -10.57 2.03 -31.14
CA GLY A 355 -10.58 3.27 -31.89
C GLY A 355 -10.17 4.47 -31.04
N LYS A 356 -10.85 5.58 -31.27
CA LYS A 356 -10.54 6.81 -30.53
C LYS A 356 -11.12 6.77 -29.12
N ARG A 357 -12.23 6.08 -28.94
CA ARG A 357 -12.92 6.04 -27.67
C ARG A 357 -13.88 4.86 -27.67
N LEU A 358 -13.93 4.16 -26.56
CA LEU A 358 -14.85 3.05 -26.37
C LEU A 358 -15.49 3.23 -25.00
N GLU A 359 -16.80 3.11 -24.95
CA GLU A 359 -17.53 3.09 -23.70
C GLU A 359 -18.32 1.80 -23.61
N VAL A 360 -18.16 1.08 -22.51
CA VAL A 360 -18.87 -0.18 -22.27
C VAL A 360 -19.71 0.02 -21.03
N ARG A 361 -21.03 -0.09 -21.18
CA ARG A 361 -21.98 0.07 -20.07
C ARG A 361 -22.59 -1.27 -19.76
N LYS A 362 -22.69 -1.59 -18.48
CA LYS A 362 -23.33 -2.84 -18.09
C LYS A 362 -24.03 -2.67 -16.76
N THR A 363 -25.30 -3.07 -16.69
CA THR A 363 -26.04 -3.08 -15.43
C THR A 363 -25.91 -4.46 -14.80
N VAL A 364 -25.46 -4.52 -13.56
CA VAL A 364 -25.19 -5.79 -12.91
C VAL A 364 -26.05 -5.92 -11.66
N THR A 365 -26.28 -7.17 -11.25
CA THR A 365 -27.03 -7.40 -10.02
C THR A 365 -26.13 -7.77 -8.86
N ALA A 366 -24.82 -7.95 -9.11
CA ALA A 366 -23.84 -8.23 -8.07
C ALA A 366 -24.21 -9.51 -7.32
N CYS A 367 -24.53 -10.54 -8.11
CA CYS A 367 -24.78 -11.90 -7.63
C CYS A 367 -25.99 -11.96 -6.70
N LEU A 368 -26.98 -11.13 -7.01
CA LEU A 368 -28.27 -11.18 -6.31
C LEU A 368 -28.81 -12.60 -6.28
N GLY A 369 -29.32 -12.99 -5.11
CA GLY A 369 -29.93 -14.28 -4.90
C GLY A 369 -28.95 -15.40 -4.62
N GLU A 370 -27.66 -15.12 -4.62
CA GLU A 370 -26.64 -16.14 -4.50
C GLU A 370 -25.80 -15.88 -3.25
N PRO A 371 -25.06 -16.88 -2.79
CA PRO A 371 -24.28 -16.70 -1.55
C PRO A 371 -23.14 -15.69 -1.69
N ASN A 372 -22.78 -15.30 -2.90
CA ASN A 372 -21.75 -14.28 -3.08
C ASN A 372 -22.35 -12.91 -3.44
N HIS A 373 -23.65 -12.72 -3.17
CA HIS A 373 -24.26 -11.41 -3.27
C HIS A 373 -23.49 -10.38 -2.46
N ILE A 374 -23.11 -9.28 -3.11
CA ILE A 374 -22.39 -8.20 -2.47
C ILE A 374 -23.25 -6.96 -2.50
N THR A 375 -23.58 -6.43 -1.32
CA THR A 375 -24.14 -5.11 -1.19
C THR A 375 -23.17 -4.09 -0.62
N ARG A 376 -22.02 -4.53 -0.11
CA ARG A 376 -21.01 -3.65 0.50
C ARG A 376 -19.69 -3.96 -0.17
N LEU A 377 -19.28 -3.12 -1.12
CA LEU A 377 -18.06 -3.39 -1.87
C LEU A 377 -16.80 -3.14 -1.01
N GLU A 378 -15.76 -3.92 -1.28
CA GLU A 378 -14.42 -3.61 -0.80
C GLU A 378 -13.64 -3.19 -2.03
N HIS A 379 -12.74 -4.04 -2.49
CA HIS A 379 -12.04 -3.81 -3.74
C HIS A 379 -12.92 -4.19 -4.93
N ALA A 380 -12.73 -3.49 -6.06
CA ALA A 380 -13.28 -3.89 -7.34
C ALA A 380 -12.15 -3.95 -8.36
N GLN A 381 -12.22 -4.89 -9.29
CA GLN A 381 -11.24 -5.04 -10.35
C GLN A 381 -11.98 -5.01 -11.68
N ALA A 382 -11.38 -4.35 -12.66
CA ALA A 382 -11.74 -4.50 -14.06
C ALA A 382 -10.57 -5.28 -14.68
N ARG A 383 -10.77 -6.57 -14.92
CA ARG A 383 -9.74 -7.43 -15.50
C ARG A 383 -9.90 -7.31 -17.00
N LEU A 384 -8.93 -6.70 -17.66
CA LEU A 384 -9.06 -6.32 -19.06
C LEU A 384 -8.03 -7.05 -19.90
N THR A 385 -8.50 -7.59 -21.04
CA THR A 385 -7.62 -8.14 -22.06
C THR A 385 -7.86 -7.32 -23.32
N LEU A 386 -6.81 -6.66 -23.80
CA LEU A 386 -6.93 -5.82 -24.98
C LEU A 386 -5.62 -5.74 -25.74
N SER A 387 -5.75 -5.52 -27.05
CA SER A 387 -4.62 -5.20 -27.89
C SER A 387 -4.67 -3.71 -28.19
N TYR A 388 -3.50 -3.11 -28.36
CA TYR A 388 -3.38 -1.72 -28.75
C TYR A 388 -1.97 -1.51 -29.30
N ASN A 389 -1.85 -0.55 -30.22
CA ASN A 389 -0.57 -0.36 -30.87
C ASN A 389 0.40 0.47 -30.03
N ARG A 390 -0.08 1.41 -29.20
CA ARG A 390 0.81 2.16 -28.31
C ARG A 390 0.13 2.31 -26.96
N ARG A 391 0.50 1.43 -26.01
CA ARG A 391 -0.27 1.26 -24.78
C ARG A 391 -0.38 2.56 -23.99
N GLY A 392 0.70 3.34 -23.94
CA GLY A 392 0.68 4.52 -23.07
C GLY A 392 -0.19 5.66 -23.55
N ASP A 393 -0.72 5.56 -24.76
CA ASP A 393 -1.72 6.53 -25.20
C ASP A 393 -3.11 6.25 -24.63
N LEU A 394 -3.32 5.11 -24.00
CA LEU A 394 -4.63 4.79 -23.42
C LEU A 394 -4.85 5.46 -22.07
N ALA A 395 -6.07 5.96 -21.85
CA ALA A 395 -6.58 6.27 -20.53
C ALA A 395 -7.85 5.44 -20.31
N ILE A 396 -7.96 4.85 -19.12
CA ILE A 396 -9.04 3.94 -18.80
C ILE A 396 -9.70 4.41 -17.51
N HIS A 397 -11.03 4.57 -17.56
CA HIS A 397 -11.78 4.95 -16.39
C HIS A 397 -12.90 3.96 -16.16
N LEU A 398 -13.26 3.77 -14.89
CA LEU A 398 -14.37 2.93 -14.47
C LEU A 398 -15.28 3.70 -13.53
N VAL A 399 -16.56 3.78 -13.85
CA VAL A 399 -17.53 4.52 -13.06
C VAL A 399 -18.47 3.54 -12.37
N SER A 400 -18.59 3.67 -11.05
CA SER A 400 -19.45 2.78 -10.28
C SER A 400 -20.91 3.24 -10.35
N PRO A 401 -21.85 2.35 -9.97
CA PRO A 401 -23.26 2.76 -9.97
C PRO A 401 -23.56 3.97 -9.10
N MET A 402 -22.74 4.20 -8.07
N MET A 402 -22.77 4.19 -8.06
CA MET A 402 -22.91 5.36 -7.21
CA MET A 402 -22.93 5.37 -7.22
C MET A 402 -22.22 6.60 -7.77
C MET A 402 -22.16 6.58 -7.74
N GLY A 403 -21.64 6.51 -8.95
CA GLY A 403 -21.13 7.66 -9.64
C GLY A 403 -19.67 7.95 -9.41
N THR A 404 -18.91 7.01 -8.82
CA THR A 404 -17.52 7.27 -8.46
C THR A 404 -16.64 6.86 -9.64
N ARG A 405 -15.92 7.84 -10.18
CA ARG A 405 -15.10 7.65 -11.37
C ARG A 405 -13.69 7.32 -10.92
N SER A 406 -13.27 6.08 -11.14
CA SER A 406 -11.91 5.65 -10.84
C SER A 406 -11.08 5.71 -12.11
N THR A 407 -9.93 6.35 -12.03
CA THR A 407 -8.96 6.27 -13.12
C THR A 407 -8.19 4.98 -12.96
N LEU A 408 -8.51 3.99 -13.79
CA LEU A 408 -7.77 2.73 -13.77
C LEU A 408 -6.39 2.88 -14.41
N LEU A 409 -6.30 3.71 -15.45
CA LEU A 409 -5.03 3.91 -16.13
C LEU A 409 -5.01 5.34 -16.66
N ALA A 410 -4.01 6.12 -16.30
CA ALA A 410 -3.79 7.41 -16.96
C ALA A 410 -2.77 7.25 -18.07
N ALA A 411 -2.71 8.24 -18.96
CA ALA A 411 -1.73 8.17 -20.04
C ALA A 411 -0.31 8.01 -19.49
N ARG A 412 0.50 7.19 -20.15
CA ARG A 412 1.90 6.96 -19.77
C ARG A 412 2.74 7.31 -20.98
N PRO A 413 3.26 8.53 -21.05
CA PRO A 413 3.95 8.96 -22.28
C PRO A 413 5.06 8.05 -22.74
N HIS A 414 5.78 7.42 -21.81
CA HIS A 414 6.92 6.59 -22.14
C HIS A 414 6.55 5.17 -22.52
N ASP A 415 5.28 4.77 -22.38
CA ASP A 415 4.87 3.39 -22.61
C ASP A 415 4.54 3.23 -24.10
N TYR A 416 5.55 2.83 -24.86
CA TYR A 416 5.41 2.60 -26.29
C TYR A 416 4.92 1.19 -26.61
N SER A 417 4.65 0.35 -25.63
CA SER A 417 4.51 -1.07 -25.89
C SER A 417 3.35 -1.36 -26.82
N ALA A 418 3.53 -2.36 -27.66
CA ALA A 418 2.44 -2.87 -28.48
C ALA A 418 1.84 -4.15 -27.92
N ASP A 419 2.17 -4.50 -26.68
CA ASP A 419 1.75 -5.76 -26.09
C ASP A 419 0.41 -5.68 -25.38
N GLY A 420 -0.17 -4.50 -25.25
CA GLY A 420 -1.51 -4.45 -24.66
C GLY A 420 -1.54 -4.91 -23.22
N PHE A 421 -2.72 -5.37 -22.79
CA PHE A 421 -2.94 -5.91 -21.46
C PHE A 421 -3.51 -7.32 -21.56
N ASN A 422 -2.95 -8.23 -20.80
CA ASN A 422 -3.36 -9.63 -20.85
C ASN A 422 -4.01 -9.97 -19.52
N ASP A 423 -5.33 -9.83 -19.48
CA ASP A 423 -6.13 -10.05 -18.29
C ASP A 423 -5.52 -9.33 -17.08
N TRP A 424 -5.23 -8.05 -17.26
CA TRP A 424 -4.63 -7.24 -16.21
C TRP A 424 -5.74 -6.73 -15.29
N ALA A 425 -5.60 -6.97 -13.98
CA ALA A 425 -6.68 -6.74 -13.02
C ALA A 425 -6.57 -5.36 -12.38
N PHE A 426 -6.89 -4.33 -13.17
CA PHE A 426 -6.87 -2.96 -12.65
C PHE A 426 -7.78 -2.89 -11.44
N MET A 427 -7.28 -2.34 -10.31
CA MET A 427 -8.02 -2.37 -9.06
C MET A 427 -8.33 -0.97 -8.59
N THR A 428 -9.52 -0.78 -8.03
CA THR A 428 -9.84 0.47 -7.38
C THR A 428 -10.35 0.25 -5.95
N THR A 429 -9.86 1.11 -5.07
CA THR A 429 -10.30 1.19 -3.68
C THR A 429 -11.36 2.28 -3.50
N HIS A 430 -11.63 3.07 -4.54
CA HIS A 430 -12.41 4.30 -4.35
C HIS A 430 -13.91 4.07 -4.14
N SER A 431 -14.41 2.86 -4.35
CA SER A 431 -15.84 2.57 -4.19
C SER A 431 -16.10 1.71 -2.97
N TRP A 432 -15.12 1.61 -2.09
CA TRP A 432 -15.25 0.90 -0.83
C TRP A 432 -16.51 1.32 -0.08
N ASP A 433 -17.27 0.33 0.36
CA ASP A 433 -18.51 0.43 1.12
C ASP A 433 -19.70 0.84 0.26
N GLU A 434 -19.51 1.07 -1.04
CA GLU A 434 -20.64 1.34 -1.93
C GLU A 434 -21.40 0.05 -2.26
N ASP A 435 -22.68 0.20 -2.61
CA ASP A 435 -23.48 -0.89 -3.17
C ASP A 435 -23.11 -0.99 -4.65
N PRO A 436 -22.55 -2.12 -5.09
CA PRO A 436 -22.14 -2.25 -6.50
C PRO A 436 -23.23 -2.71 -7.47
N SER A 437 -24.47 -2.85 -7.01
CA SER A 437 -25.58 -3.16 -7.92
C SER A 437 -25.85 -1.96 -8.81
N GLY A 438 -26.12 -2.21 -10.09
CA GLY A 438 -26.47 -1.12 -10.97
C GLY A 438 -25.54 -0.98 -12.15
N GLU A 439 -25.49 0.22 -12.74
CA GLU A 439 -24.75 0.42 -13.98
C GLU A 439 -23.28 0.75 -13.71
N TRP A 440 -22.39 -0.08 -14.23
CA TRP A 440 -20.97 0.22 -14.28
C TRP A 440 -20.64 0.69 -15.69
N VAL A 441 -19.69 1.63 -15.80
CA VAL A 441 -19.25 2.15 -17.09
C VAL A 441 -17.73 2.07 -17.17
N LEU A 442 -17.24 1.42 -18.21
CA LEU A 442 -15.82 1.40 -18.55
C LEU A 442 -15.58 2.31 -19.74
N GLU A 443 -14.61 3.21 -19.62
CA GLU A 443 -14.24 4.13 -20.69
C GLU A 443 -12.80 3.88 -21.04
N ILE A 444 -12.52 3.67 -22.32
CA ILE A 444 -11.16 3.51 -22.86
C ILE A 444 -10.99 4.56 -23.93
N GLU A 445 -9.98 5.41 -23.80
CA GLU A 445 -9.81 6.42 -24.83
C GLU A 445 -8.36 6.58 -25.23
N ASN A 446 -8.19 6.97 -26.47
CA ASN A 446 -6.91 7.36 -27.03
C ASN A 446 -6.70 8.83 -26.66
N THR A 447 -5.70 9.09 -25.82
CA THR A 447 -5.39 10.45 -25.38
C THR A 447 -4.50 11.19 -26.37
N SER A 448 -4.06 10.54 -27.42
CA SER A 448 -3.17 11.16 -28.39
C SER A 448 -3.91 11.46 -29.69
N GLU A 449 -3.29 12.30 -30.52
CA GLU A 449 -3.80 12.57 -31.86
C GLU A 449 -3.46 11.47 -32.86
N ALA A 450 -2.65 10.49 -32.49
CA ALA A 450 -2.27 9.43 -33.41
C ALA A 450 -3.44 8.52 -33.74
N ASN A 451 -3.39 7.92 -34.92
CA ASN A 451 -4.43 7.00 -35.36
C ASN A 451 -4.14 5.59 -34.83
N ASN A 452 -4.40 5.42 -33.54
CA ASN A 452 -4.12 4.17 -32.87
C ASN A 452 -5.26 3.20 -33.10
N TYR A 453 -5.00 1.93 -32.81
CA TYR A 453 -5.95 0.88 -33.13
C TYR A 453 -5.77 -0.29 -32.17
N GLY A 454 -6.88 -0.95 -31.87
CA GLY A 454 -6.84 -2.14 -31.05
C GLY A 454 -8.24 -2.57 -30.72
N THR A 455 -8.32 -3.61 -29.90
CA THR A 455 -9.56 -4.32 -29.61
C THR A 455 -9.58 -4.75 -28.16
N LEU A 456 -10.70 -4.50 -27.48
CA LEU A 456 -10.94 -5.06 -26.16
C LEU A 456 -11.65 -6.40 -26.30
N THR A 457 -11.02 -7.48 -25.84
CA THR A 457 -11.58 -8.81 -26.02
C THR A 457 -12.14 -9.43 -24.75
N LYS A 458 -11.79 -8.89 -23.59
CA LYS A 458 -12.38 -9.40 -22.35
C LYS A 458 -12.42 -8.29 -21.31
N PHE A 459 -13.52 -8.22 -20.59
CA PHE A 459 -13.73 -7.30 -19.46
C PHE A 459 -14.50 -8.09 -18.41
N THR A 460 -13.78 -8.54 -17.39
CA THR A 460 -14.37 -9.18 -16.22
C THR A 460 -14.41 -8.16 -15.10
N LEU A 461 -15.60 -7.83 -14.63
CA LEU A 461 -15.74 -7.05 -13.41
C LEU A 461 -15.75 -8.01 -12.22
N VAL A 462 -14.78 -7.86 -11.33
CA VAL A 462 -14.67 -8.71 -10.15
C VAL A 462 -14.92 -7.84 -8.94
N LEU A 463 -15.95 -8.18 -8.19
CA LEU A 463 -16.36 -7.45 -7.00
C LEU A 463 -16.03 -8.30 -5.79
N TYR A 464 -15.41 -7.69 -4.79
CA TYR A 464 -15.19 -8.30 -3.49
C TYR A 464 -15.96 -7.52 -2.44
N GLY A 465 -16.40 -8.23 -1.39
CA GLY A 465 -17.09 -7.52 -0.33
C GLY A 465 -18.05 -8.41 0.47
N THR A 466 -19.04 -7.77 1.09
CA THR A 466 -19.94 -8.49 1.96
C THR A 466 -21.37 -8.02 1.69
N ALA A 467 -22.30 -8.52 2.51
CA ALA A 467 -23.70 -8.13 2.41
C ALA A 467 -24.23 -7.68 3.78
N SER A 468 -23.39 -7.10 4.62
CA SER A 468 -23.86 -6.71 5.94
C SER A 468 -22.91 -5.70 6.57
N GLY A 469 -23.44 -4.93 7.52
CA GLY A 469 -22.62 -4.19 8.45
C GLY A 469 -22.29 -2.76 8.07
N SER A 470 -23.11 -2.13 7.22
CA SER A 470 -22.76 -0.81 6.72
C SER A 470 -22.94 0.27 7.78
N LEU A 471 -22.14 1.33 7.63
CA LEU A 471 -22.28 2.54 8.43
C LEU A 471 -23.14 3.55 7.66
N VAL A 472 -23.80 4.43 8.41
CA VAL A 472 -24.42 5.59 7.76
C VAL A 472 -23.35 6.37 6.99
N PRO A 473 -23.58 6.72 5.72
CA PRO A 473 -22.53 7.42 4.95
C PRO A 473 -22.08 8.71 5.62
N ARG A 474 -20.79 9.01 5.45
CA ARG A 474 -20.14 10.18 6.04
C ARG A 474 -20.80 11.52 5.70
N LYS B 4 14.76 -0.70 -5.53
CA LYS B 4 14.47 -0.11 -4.21
C LYS B 4 13.66 1.17 -4.46
#